data_5RYR
#
_entry.id   5RYR
#
_cell.length_a   38.620
_cell.length_b   77.460
_cell.length_c   99.690
_cell.angle_alpha   90.000
_cell.angle_beta   90.000
_cell.angle_gamma   90.000
#
_symmetry.space_group_name_H-M   'P 21 21 21'
#
loop_
_entity.id
_entity.type
_entity.pdbx_description
1 polymer 'Isoform 2 of Band 4.1-like protein 3'
2 non-polymer N,N-dimethyl-N~2~-phenylglycinamide
3 non-polymer 'DIMETHYL SULFOXIDE'
4 non-polymer 1,2-ETHANEDIOL
5 water water
#
_entity_poly.entity_id   1
_entity_poly.type   'polypeptide(L)'
_entity_poly.pdbx_seq_one_letter_code
;SMPKSMQCKVILLDGSEYTCDVEKRSRGQVLFDKVCEHLNLLEKDYFGLTYRDAENQKNWLDPAKEIKKQVRSGAWHFSF
NVKFYPPDPAQLSEDITRYYLCLQLRDDIVSGRLPCSFVTLALLGSYTVQSELGDYDPDECGSDYISEFRFAPNHTKELE
DKVIELHKSHRGMTPAEAEMHFLENAKKLSMYGVDLHHAKDSEGVEIMLGVCASGLLIYRDRLRINRFAWPKVLKISYKR
NNFYIKIRPGEFEQFESTIGFKLPNHRAAKRLWKVCVEHHTFFRLL
;
_entity_poly.pdbx_strand_id   A
#
# COMPACT_ATOMS: atom_id res chain seq x y z
N PRO A 3 13.27 -28.95 18.13
CA PRO A 3 12.29 -28.12 17.38
C PRO A 3 13.02 -27.12 16.46
N LYS A 4 13.09 -27.44 15.18
CA LYS A 4 13.95 -26.72 14.21
C LYS A 4 13.37 -25.37 13.80
N SER A 5 14.19 -24.32 13.84
N SER A 5 14.20 -24.33 13.92
CA SER A 5 13.78 -22.91 13.64
CA SER A 5 13.86 -22.91 13.64
C SER A 5 14.51 -22.27 12.45
C SER A 5 14.40 -22.53 12.25
N MET A 6 13.79 -21.53 11.62
CA MET A 6 14.33 -20.87 10.39
C MET A 6 14.54 -19.38 10.70
N GLN A 7 15.62 -18.80 10.22
CA GLN A 7 15.89 -17.38 10.37
C GLN A 7 15.00 -16.58 9.38
N CYS A 8 14.33 -15.52 9.84
CA CYS A 8 13.47 -14.66 9.01
C CYS A 8 14.08 -13.28 9.01
N LYS A 9 14.19 -12.66 7.85
CA LYS A 9 14.64 -11.29 7.67
C LYS A 9 13.49 -10.46 7.08
N VAL A 10 13.17 -9.39 7.82
CA VAL A 10 12.03 -8.50 7.48
C VAL A 10 12.57 -7.09 7.32
N ILE A 11 12.36 -6.53 6.14
CA ILE A 11 12.61 -5.09 5.84
C ILE A 11 11.43 -4.31 6.39
N LEU A 12 11.73 -3.47 7.37
CA LEU A 12 10.76 -2.56 8.06
C LEU A 12 10.59 -1.29 7.24
N LEU A 13 9.55 -0.52 7.54
CA LEU A 13 9.18 0.62 6.68
C LEU A 13 10.20 1.74 6.79
N ASP A 14 11.07 1.76 7.80
CA ASP A 14 12.15 2.79 7.87
C ASP A 14 13.39 2.29 7.13
N GLY A 15 13.31 1.14 6.46
CA GLY A 15 14.42 0.59 5.64
C GLY A 15 15.38 -0.27 6.43
N SER A 16 15.20 -0.39 7.74
CA SER A 16 16.03 -1.28 8.58
C SER A 16 15.50 -2.72 8.48
N GLU A 17 16.36 -3.64 8.90
CA GLU A 17 16.18 -5.10 8.79
C GLU A 17 15.91 -5.64 10.20
N TYR A 18 14.82 -6.37 10.38
CA TYR A 18 14.59 -7.09 11.63
C TYR A 18 14.80 -8.59 11.35
N THR A 19 15.57 -9.26 12.19
CA THR A 19 15.86 -10.71 12.12
C THR A 19 15.16 -11.40 13.28
N CYS A 20 14.50 -12.50 13.03
CA CYS A 20 14.05 -13.40 14.13
C CYS A 20 14.00 -14.83 13.62
N ASP A 21 13.64 -15.75 14.49
CA ASP A 21 13.55 -17.20 14.19
C ASP A 21 12.12 -17.62 14.46
N VAL A 22 11.60 -18.53 13.67
CA VAL A 22 10.30 -19.21 13.95
C VAL A 22 10.50 -20.69 13.67
N GLU A 23 9.74 -21.56 14.32
CA GLU A 23 9.72 -22.99 13.98
C GLU A 23 9.44 -23.13 12.47
N LYS A 24 10.08 -24.08 11.79
CA LYS A 24 10.07 -24.15 10.29
C LYS A 24 8.66 -24.46 9.76
N ARG A 25 7.80 -25.13 10.55
CA ARG A 25 6.38 -25.40 10.17
C ARG A 25 5.45 -24.22 10.58
N SER A 26 5.98 -23.12 11.07
CA SER A 26 5.14 -21.95 11.53
C SER A 26 4.24 -21.40 10.41
N ARG A 27 3.05 -20.97 10.79
CA ARG A 27 2.09 -20.20 9.95
C ARG A 27 2.56 -18.76 9.88
N GLY A 28 2.12 -18.01 8.85
CA GLY A 28 2.56 -16.61 8.67
C GLY A 28 2.24 -15.76 9.90
N GLN A 29 1.10 -16.02 10.56
CA GLN A 29 0.67 -15.22 11.74
C GLN A 29 1.78 -15.17 12.79
N VAL A 30 2.51 -16.26 12.96
CA VAL A 30 3.55 -16.36 14.04
C VAL A 30 4.59 -15.26 13.78
N LEU A 31 5.13 -15.19 12.56
CA LEU A 31 6.17 -14.17 12.23
C LEU A 31 5.55 -12.77 12.30
N PHE A 32 4.37 -12.62 11.75
CA PHE A 32 3.71 -11.28 11.74
C PHE A 32 3.52 -10.79 13.20
N ASP A 33 3.07 -11.64 14.12
CA ASP A 33 2.90 -11.23 15.55
C ASP A 33 4.24 -10.75 16.11
N LYS A 34 5.34 -11.48 15.86
CA LYS A 34 6.69 -11.08 16.33
C LYS A 34 7.07 -9.71 15.77
N VAL A 35 6.85 -9.46 14.46
CA VAL A 35 7.24 -8.15 13.85
C VAL A 35 6.38 -7.01 14.46
N CYS A 36 5.07 -7.21 14.56
CA CYS A 36 4.15 -6.20 15.17
C CYS A 36 4.55 -5.91 16.63
N GLU A 37 4.86 -6.93 17.41
CA GLU A 37 5.35 -6.70 18.80
C GLU A 37 6.62 -5.87 18.75
N HIS A 38 7.58 -6.24 17.91
CA HIS A 38 8.81 -5.42 17.76
C HIS A 38 8.44 -3.97 17.46
N LEU A 39 7.42 -3.74 16.62
CA LEU A 39 7.09 -2.36 16.16
C LEU A 39 6.21 -1.65 17.20
N ASN A 40 5.77 -2.33 18.28
CA ASN A 40 4.79 -1.84 19.29
C ASN A 40 3.48 -1.49 18.61
N LEU A 41 3.06 -2.30 17.65
CA LEU A 41 1.87 -1.99 16.81
C LEU A 41 0.73 -2.87 17.30
N LEU A 42 -0.38 -2.23 17.66
CA LEU A 42 -1.60 -2.92 18.14
C LEU A 42 -2.65 -2.96 17.04
N GLU A 43 -2.76 -1.92 16.23
CA GLU A 43 -3.79 -1.93 15.15
C GLU A 43 -3.23 -2.71 13.95
N LYS A 44 -3.05 -4.02 14.11
CA LYS A 44 -2.32 -4.90 13.14
C LYS A 44 -3.13 -5.20 11.87
N ASP A 45 -4.47 -5.06 11.91
CA ASP A 45 -5.43 -5.44 10.84
C ASP A 45 -5.09 -4.81 9.48
N TYR A 46 -4.54 -3.59 9.46
CA TYR A 46 -4.21 -2.84 8.22
C TYR A 46 -2.94 -3.35 7.54
N PHE A 47 -2.13 -4.21 8.19
CA PHE A 47 -0.73 -4.52 7.77
C PHE A 47 -0.58 -6.00 7.43
N GLY A 48 0.51 -6.33 6.76
CA GLY A 48 0.86 -7.72 6.45
C GLY A 48 2.32 -7.77 6.03
N LEU A 49 2.78 -8.98 5.75
CA LEU A 49 4.14 -9.24 5.23
C LEU A 49 4.01 -9.64 3.77
N THR A 50 4.93 -9.13 2.98
CA THR A 50 5.07 -9.52 1.56
C THR A 50 6.35 -10.31 1.43
N TYR A 51 6.40 -11.15 0.39
CA TYR A 51 7.63 -11.84 -0.05
C TYR A 51 7.66 -11.85 -1.58
N ARG A 52 8.87 -11.75 -2.15
CA ARG A 52 9.14 -11.77 -3.61
C ARG A 52 9.31 -13.23 -4.05
N ASP A 53 8.53 -13.65 -5.03
CA ASP A 53 8.42 -15.08 -5.43
C ASP A 53 9.49 -15.42 -6.46
N ALA A 54 9.49 -16.69 -6.88
CA ALA A 54 10.33 -17.22 -7.98
C ALA A 54 10.39 -16.16 -9.09
N GLU A 55 9.26 -15.93 -9.76
CA GLU A 55 9.16 -14.96 -10.89
C GLU A 55 9.58 -13.56 -10.42
N ASN A 56 9.53 -13.30 -9.11
CA ASN A 56 10.06 -12.06 -8.47
C ASN A 56 8.95 -11.03 -8.25
N GLN A 57 7.69 -11.46 -8.22
CA GLN A 57 6.52 -10.59 -7.94
C GLN A 57 6.33 -10.49 -6.42
N LYS A 58 5.67 -9.43 -5.96
CA LYS A 58 5.21 -9.28 -4.56
C LYS A 58 3.99 -10.17 -4.33
N ASN A 59 4.00 -10.93 -3.23
CA ASN A 59 2.86 -11.75 -2.78
C ASN A 59 2.64 -11.47 -1.29
N TRP A 60 1.38 -11.40 -0.84
CA TRP A 60 1.08 -11.30 0.60
C TRP A 60 1.31 -12.68 1.24
N LEU A 61 2.06 -12.73 2.32
CA LEU A 61 2.21 -13.92 3.18
C LEU A 61 0.87 -14.19 3.85
N ASP A 62 0.25 -15.33 3.54
CA ASP A 62 -1.07 -15.63 4.14
C ASP A 62 -0.82 -16.03 5.56
N PRO A 63 -1.35 -15.28 6.54
CA PRO A 63 -1.10 -15.58 7.95
C PRO A 63 -1.62 -16.95 8.40
N ALA A 64 -2.62 -17.47 7.71
CA ALA A 64 -3.27 -18.76 8.06
C ALA A 64 -2.52 -19.99 7.55
N LYS A 65 -1.56 -19.81 6.62
CA LYS A 65 -0.86 -20.95 5.96
C LYS A 65 0.60 -21.05 6.39
N GLU A 66 1.20 -22.20 6.20
CA GLU A 66 2.60 -22.39 6.60
C GLU A 66 3.45 -21.41 5.76
N ILE A 67 4.43 -20.79 6.37
CA ILE A 67 5.41 -19.92 5.67
C ILE A 67 6.11 -20.76 4.58
N LYS A 68 6.52 -21.99 4.92
CA LYS A 68 7.30 -22.82 3.97
C LYS A 68 6.50 -23.12 2.72
N LYS A 69 5.18 -23.23 2.79
CA LYS A 69 4.38 -23.60 1.61
C LYS A 69 4.09 -22.41 0.75
N GLN A 70 4.52 -21.23 1.19
CA GLN A 70 4.33 -19.97 0.43
C GLN A 70 5.69 -19.58 -0.15
N VAL A 71 6.75 -19.50 0.66
CA VAL A 71 8.07 -19.06 0.14
C VAL A 71 8.68 -20.21 -0.72
N ARG A 72 8.27 -21.45 -0.44
CA ARG A 72 8.59 -22.70 -1.21
C ARG A 72 10.09 -22.77 -1.37
N SER A 73 10.64 -22.42 -2.54
CA SER A 73 12.07 -22.60 -2.86
C SER A 73 12.86 -21.34 -2.49
N GLY A 74 12.18 -20.20 -2.27
CA GLY A 74 12.83 -18.89 -2.01
C GLY A 74 13.31 -18.71 -0.57
N ALA A 75 14.05 -17.64 -0.37
CA ALA A 75 14.64 -17.20 0.90
C ALA A 75 13.52 -16.76 1.82
N TRP A 76 13.73 -16.85 3.13
CA TRP A 76 12.75 -16.40 4.16
C TRP A 76 13.01 -14.91 4.42
N HIS A 77 12.75 -14.12 3.39
CA HIS A 77 12.99 -12.68 3.39
C HIS A 77 11.65 -12.01 3.10
N PHE A 78 11.33 -10.98 3.85
CA PHE A 78 9.99 -10.40 3.76
C PHE A 78 10.11 -8.90 3.89
N SER A 79 9.02 -8.21 3.57
CA SER A 79 8.85 -6.79 3.92
C SER A 79 7.61 -6.64 4.79
N PHE A 80 7.59 -5.64 5.63
CA PHE A 80 6.42 -5.22 6.41
C PHE A 80 5.72 -4.07 5.69
N ASN A 81 4.44 -4.23 5.37
CA ASN A 81 3.70 -3.27 4.51
C ASN A 81 2.28 -3.01 4.98
N VAL A 82 1.75 -1.87 4.57
CA VAL A 82 0.29 -1.61 4.66
C VAL A 82 -0.36 -2.50 3.61
N LYS A 83 -1.32 -3.30 4.03
CA LYS A 83 -2.19 -4.15 3.19
C LYS A 83 -3.51 -3.41 2.90
N PHE A 84 -4.19 -2.91 3.93
CA PHE A 84 -5.50 -2.19 3.79
C PHE A 84 -5.30 -0.72 4.19
N TYR A 85 -5.29 0.17 3.20
CA TYR A 85 -5.05 1.62 3.41
C TYR A 85 -6.36 2.21 3.93
N PRO A 86 -6.42 2.73 5.16
CA PRO A 86 -7.71 3.19 5.69
C PRO A 86 -8.22 4.44 4.98
N PRO A 87 -9.47 4.46 4.48
CA PRO A 87 -9.97 5.65 3.80
C PRO A 87 -9.96 6.92 4.67
N ASP A 88 -10.03 6.76 5.98
CA ASP A 88 -10.00 7.88 6.95
C ASP A 88 -9.04 7.57 8.08
N PRO A 89 -7.75 7.91 7.91
CA PRO A 89 -6.74 7.60 8.92
C PRO A 89 -7.00 8.32 10.25
N ALA A 90 -7.74 9.43 10.28
CA ALA A 90 -8.11 10.13 11.53
C ALA A 90 -8.86 9.16 12.44
N GLN A 91 -9.47 8.12 11.91
CA GLN A 91 -10.26 7.22 12.79
C GLN A 91 -9.42 6.09 13.36
N LEU A 92 -8.17 5.92 12.95
CA LEU A 92 -7.32 4.92 13.63
C LEU A 92 -7.17 5.34 15.11
N SER A 93 -7.05 4.38 15.99
CA SER A 93 -7.08 4.69 17.45
C SER A 93 -5.69 5.11 17.94
N GLU A 94 -4.58 4.73 17.26
CA GLU A 94 -3.25 5.12 17.78
C GLU A 94 -2.45 5.96 16.79
N ASP A 95 -1.61 6.83 17.36
CA ASP A 95 -0.68 7.64 16.58
C ASP A 95 0.34 6.70 15.93
N ILE A 96 0.75 5.61 16.59
CA ILE A 96 1.86 4.79 16.06
C ILE A 96 1.37 4.13 14.78
N THR A 97 0.09 3.77 14.72
CA THR A 97 -0.55 3.26 13.49
C THR A 97 -0.39 4.29 12.40
N ARG A 98 -0.70 5.55 12.68
CA ARG A 98 -0.69 6.60 11.63
C ARG A 98 0.77 6.82 11.19
N TYR A 99 1.72 6.61 12.11
CA TYR A 99 3.18 6.74 11.85
C TYR A 99 3.61 5.72 10.80
N TYR A 100 3.29 4.45 10.97
CA TYR A 100 3.65 3.37 10.03
C TYR A 100 2.94 3.64 8.70
N LEU A 101 1.68 4.10 8.75
CA LEU A 101 0.97 4.43 7.48
C LEU A 101 1.74 5.52 6.73
N CYS A 102 2.21 6.57 7.42
CA CYS A 102 3.01 7.65 6.80
C CYS A 102 4.26 7.05 6.14
N LEU A 103 5.01 6.21 6.86
CA LEU A 103 6.26 5.64 6.30
C LEU A 103 5.90 4.89 5.01
N GLN A 104 4.83 4.13 5.00
CA GLN A 104 4.48 3.35 3.79
C GLN A 104 4.19 4.31 2.65
N LEU A 105 3.42 5.36 2.93
CA LEU A 105 3.02 6.31 1.91
C LEU A 105 4.23 7.04 1.38
N ARG A 106 5.18 7.39 2.23
CA ARG A 106 6.44 8.02 1.77
C ARG A 106 7.10 7.12 0.73
N ASP A 107 7.07 5.80 0.90
CA ASP A 107 7.68 4.85 -0.06
C ASP A 107 6.81 4.77 -1.30
N ASP A 108 5.51 4.79 -1.14
CA ASP A 108 4.56 4.80 -2.26
C ASP A 108 4.88 5.99 -3.15
N ILE A 109 5.17 7.13 -2.54
CA ILE A 109 5.38 8.39 -3.30
C ILE A 109 6.73 8.32 -3.99
N VAL A 110 7.81 8.02 -3.27
CA VAL A 110 9.22 8.03 -3.78
C VAL A 110 9.33 7.05 -4.95
N SER A 111 8.63 5.91 -4.84
CA SER A 111 8.63 4.77 -5.78
C SER A 111 7.88 5.15 -7.06
N GLY A 112 7.01 6.13 -7.00
CA GLY A 112 6.11 6.50 -8.10
C GLY A 112 4.86 5.67 -8.16
N ARG A 113 4.61 4.74 -7.23
CA ARG A 113 3.30 4.04 -7.16
C ARG A 113 2.16 5.01 -6.82
N LEU A 114 2.47 6.13 -6.16
CA LEU A 114 1.42 7.12 -5.76
C LEU A 114 1.74 8.46 -6.41
N PRO A 115 1.22 8.73 -7.60
CA PRO A 115 1.50 9.95 -8.32
C PRO A 115 0.95 11.08 -7.48
N CYS A 116 1.56 12.25 -7.65
N CYS A 116 1.70 12.19 -7.50
CA CYS A 116 1.37 13.41 -6.77
CA CYS A 116 1.45 13.45 -6.76
C CYS A 116 1.88 14.66 -7.50
C CYS A 116 1.80 14.64 -7.66
N SER A 117 1.11 15.76 -7.46
CA SER A 117 1.48 17.06 -8.03
C SER A 117 2.71 17.61 -7.29
N PHE A 118 3.40 18.53 -7.93
CA PHE A 118 4.52 19.28 -7.34
C PHE A 118 4.14 19.82 -5.95
N VAL A 119 3.04 20.57 -5.88
CA VAL A 119 2.64 21.24 -4.63
C VAL A 119 2.33 20.19 -3.54
N THR A 120 1.65 19.09 -3.87
CA THR A 120 1.36 18.05 -2.88
C THR A 120 2.64 17.31 -2.46
N LEU A 121 3.56 17.01 -3.37
CA LEU A 121 4.92 16.50 -2.99
C LEU A 121 5.57 17.42 -1.95
N ALA A 122 5.57 18.73 -2.19
CA ALA A 122 6.25 19.69 -1.28
C ALA A 122 5.48 19.76 0.05
N LEU A 123 4.15 19.78 0.00
CA LEU A 123 3.33 19.83 1.24
C LEU A 123 3.56 18.58 2.09
N LEU A 124 3.47 17.39 1.51
CA LEU A 124 3.75 16.10 2.19
C LEU A 124 5.16 16.13 2.76
N GLY A 125 6.14 16.53 1.95
CA GLY A 125 7.52 16.60 2.40
C GLY A 125 7.63 17.50 3.64
N SER A 126 6.99 18.67 3.58
CA SER A 126 7.06 19.68 4.66
C SER A 126 6.53 19.07 5.97
N TYR A 127 5.48 18.26 5.91
CA TYR A 127 4.95 17.60 7.13
C TYR A 127 5.95 16.55 7.63
N THR A 128 6.51 15.75 6.76
CA THR A 128 7.55 14.76 7.19
C THR A 128 8.72 15.49 7.88
N VAL A 129 9.20 16.57 7.29
CA VAL A 129 10.32 17.33 7.91
C VAL A 129 9.87 17.82 9.30
N GLN A 130 8.67 18.38 9.43
CA GLN A 130 8.21 18.95 10.71
C GLN A 130 8.18 17.83 11.76
N SER A 131 7.59 16.70 11.38
N SER A 131 7.63 16.67 11.37
CA SER A 131 7.47 15.49 12.22
CA SER A 131 7.46 15.48 12.23
C SER A 131 8.86 15.04 12.66
C SER A 131 8.81 14.88 12.62
N GLU A 132 9.82 14.96 11.73
CA GLU A 132 11.18 14.41 12.02
C GLU A 132 12.21 15.40 12.56
N LEU A 133 12.25 16.64 12.09
CA LEU A 133 13.26 17.62 12.61
C LEU A 133 12.58 18.56 13.60
N GLY A 134 11.26 18.62 13.63
CA GLY A 134 10.63 19.69 14.44
C GLY A 134 10.68 21.01 13.70
N ASP A 135 10.61 22.11 14.43
CA ASP A 135 10.44 23.49 13.91
C ASP A 135 11.56 23.84 12.95
N TYR A 136 11.21 24.56 11.88
CA TYR A 136 12.16 25.09 10.88
C TYR A 136 13.30 25.81 11.64
N ASP A 137 14.55 25.50 11.30
CA ASP A 137 15.78 26.22 11.73
C ASP A 137 16.64 26.62 10.51
N PRO A 138 16.91 27.94 10.28
CA PRO A 138 17.77 28.36 9.18
C PRO A 138 19.23 27.91 9.30
N ASP A 139 19.67 27.55 10.51
CA ASP A 139 21.08 27.16 10.82
C ASP A 139 21.41 25.82 10.16
N GLU A 140 20.39 25.08 9.73
CA GLU A 140 20.56 23.79 8.98
C GLU A 140 19.92 23.93 7.59
N CYS A 141 19.82 25.16 7.08
CA CYS A 141 19.16 25.47 5.78
C CYS A 141 19.68 26.81 5.24
N GLY A 142 20.68 26.75 4.35
CA GLY A 142 21.10 27.87 3.51
C GLY A 142 20.32 27.86 2.21
N SER A 143 20.55 28.85 1.34
CA SER A 143 19.88 28.99 0.02
C SER A 143 20.09 27.69 -0.79
N ASP A 144 21.10 26.90 -0.44
CA ASP A 144 21.54 25.72 -1.24
C ASP A 144 21.22 24.40 -0.51
N TYR A 145 20.22 24.38 0.38
CA TYR A 145 19.86 23.17 1.16
C TYR A 145 19.20 22.06 0.29
N ILE A 146 19.71 20.84 0.42
CA ILE A 146 19.07 19.55 -0.02
C ILE A 146 18.93 18.58 1.18
N SER A 147 17.68 18.26 1.56
CA SER A 147 17.33 17.34 2.67
C SER A 147 17.88 15.95 2.37
N GLU A 148 18.18 15.19 3.42
CA GLU A 148 18.45 13.74 3.28
C GLU A 148 17.14 13.06 2.88
N PHE A 149 15.99 13.72 3.13
CA PHE A 149 14.67 13.06 3.04
C PHE A 149 14.46 12.94 1.52
N ARG A 150 14.02 11.77 1.13
CA ARG A 150 13.53 11.41 -0.20
C ARG A 150 12.04 11.75 -0.15
N PHE A 151 11.62 12.64 -1.02
CA PHE A 151 10.28 13.22 -1.10
C PHE A 151 9.54 12.85 -2.36
N ALA A 152 10.22 12.39 -3.41
CA ALA A 152 9.63 12.30 -4.75
C ALA A 152 10.44 11.36 -5.62
N PRO A 153 9.83 10.83 -6.66
CA PRO A 153 10.56 9.98 -7.59
C PRO A 153 11.63 10.74 -8.36
N ASN A 154 11.49 12.06 -8.53
CA ASN A 154 12.53 12.94 -9.14
C ASN A 154 12.62 14.25 -8.35
N HIS A 155 13.75 14.44 -7.68
CA HIS A 155 14.00 15.63 -6.86
C HIS A 155 14.53 16.76 -7.72
N THR A 156 14.07 17.97 -7.47
CA THR A 156 14.55 19.23 -8.11
C THR A 156 14.84 20.22 -7.00
N LYS A 157 15.70 21.17 -7.32
CA LYS A 157 16.02 22.24 -6.34
C LYS A 157 14.73 22.98 -6.02
N GLU A 158 13.89 23.20 -7.03
CA GLU A 158 12.61 23.93 -6.84
C GLU A 158 11.76 23.15 -5.80
N LEU A 159 11.77 21.81 -5.86
CA LEU A 159 10.94 21.04 -4.90
C LEU A 159 11.52 21.22 -3.49
N GLU A 160 12.83 21.18 -3.36
CA GLU A 160 13.49 21.30 -2.03
C GLU A 160 13.19 22.65 -1.43
N ASP A 161 13.19 23.67 -2.28
CA ASP A 161 12.88 25.06 -1.84
C ASP A 161 11.43 25.12 -1.31
N LYS A 162 10.53 24.45 -1.99
CA LYS A 162 9.10 24.60 -1.67
C LYS A 162 8.83 23.85 -0.36
N VAL A 163 9.46 22.68 -0.18
CA VAL A 163 9.39 21.94 1.12
C VAL A 163 9.78 22.92 2.24
N ILE A 164 10.86 23.66 2.09
CA ILE A 164 11.35 24.54 3.18
C ILE A 164 10.36 25.69 3.39
N GLU A 165 9.89 26.33 2.31
CA GLU A 165 8.91 27.44 2.47
C GLU A 165 7.72 26.91 3.29
N LEU A 166 7.21 25.71 2.95
CA LEU A 166 6.03 25.20 3.68
C LEU A 166 6.42 24.80 5.08
N HIS A 167 7.62 24.27 5.27
CA HIS A 167 8.11 23.87 6.61
C HIS A 167 8.07 25.12 7.53
N LYS A 168 8.39 26.28 7.02
CA LYS A 168 8.44 27.46 7.89
C LYS A 168 7.06 27.71 8.49
N SER A 169 5.98 27.31 7.81
CA SER A 169 4.60 27.70 8.20
C SER A 169 4.13 26.74 9.31
N HIS A 170 4.85 25.65 9.60
CA HIS A 170 4.35 24.62 10.54
C HIS A 170 4.92 24.77 11.97
N ARG A 171 5.48 25.92 12.33
CA ARG A 171 6.11 26.10 13.67
C ARG A 171 5.14 25.65 14.78
N GLY A 172 5.60 24.85 15.75
CA GLY A 172 4.85 24.44 16.94
C GLY A 172 4.06 23.16 16.71
N MET A 173 4.14 22.61 15.50
CA MET A 173 3.40 21.38 15.14
C MET A 173 4.14 20.22 15.77
N THR A 174 3.44 19.33 16.46
CA THR A 174 4.05 18.11 17.03
C THR A 174 4.09 17.02 15.96
N PRO A 175 4.92 15.97 16.18
CA PRO A 175 5.02 14.90 15.20
C PRO A 175 3.67 14.26 14.88
N ALA A 176 2.85 13.96 15.88
CA ALA A 176 1.51 13.36 15.67
C ALA A 176 0.62 14.26 14.81
N GLU A 177 0.69 15.53 15.07
CA GLU A 177 -0.09 16.55 14.35
C GLU A 177 0.35 16.62 12.86
N ALA A 178 1.67 16.72 12.60
CA ALA A 178 2.18 16.78 11.20
C ALA A 178 1.82 15.47 10.45
N GLU A 179 1.99 14.32 11.10
CA GLU A 179 1.59 12.98 10.57
C GLU A 179 0.11 13.01 10.19
N MET A 180 -0.76 13.53 11.06
CA MET A 180 -2.21 13.57 10.73
C MET A 180 -2.43 14.47 9.52
N HIS A 181 -1.78 15.63 9.42
CA HIS A 181 -1.89 16.51 8.23
C HIS A 181 -1.37 15.82 6.97
N PHE A 182 -0.28 15.12 7.12
CA PHE A 182 0.27 14.32 6.01
C PHE A 182 -0.84 13.42 5.46
N LEU A 183 -1.48 12.68 6.35
CA LEU A 183 -2.49 11.69 5.96
C LEU A 183 -3.74 12.35 5.37
N GLU A 184 -4.17 13.48 5.91
CA GLU A 184 -5.38 14.19 5.41
C GLU A 184 -5.18 14.56 3.93
N ASN A 185 -3.97 14.98 3.56
CA ASN A 185 -3.62 15.26 2.15
C ASN A 185 -3.45 13.95 1.35
N ALA A 186 -2.67 12.98 1.84
CA ALA A 186 -2.32 11.80 1.05
C ALA A 186 -3.58 11.02 0.68
N LYS A 187 -4.53 10.94 1.64
CA LYS A 187 -5.75 10.10 1.54
C LYS A 187 -6.61 10.57 0.37
N LYS A 188 -6.40 11.78 -0.13
CA LYS A 188 -7.27 12.38 -1.16
C LYS A 188 -6.72 12.12 -2.56
N LEU A 189 -5.48 11.67 -2.66
CA LEU A 189 -4.85 11.47 -3.97
C LEU A 189 -5.59 10.33 -4.71
N SER A 190 -5.72 10.46 -6.01
CA SER A 190 -6.58 9.53 -6.80
C SER A 190 -5.97 8.12 -6.82
N MET A 191 -4.68 7.91 -6.54
CA MET A 191 -4.15 6.51 -6.46
C MET A 191 -3.92 6.08 -5.01
N TYR A 192 -4.46 6.78 -4.03
CA TYR A 192 -4.28 6.36 -2.63
C TYR A 192 -4.91 4.99 -2.40
N GLY A 193 -4.09 4.05 -1.97
CA GLY A 193 -4.52 2.72 -1.55
C GLY A 193 -4.90 1.86 -2.74
N VAL A 194 -4.50 2.25 -3.96
CA VAL A 194 -4.89 1.52 -5.20
C VAL A 194 -3.79 0.52 -5.50
N ASP A 195 -4.12 -0.78 -5.45
CA ASP A 195 -3.21 -1.89 -5.87
C ASP A 195 -3.43 -2.15 -7.36
N LEU A 196 -2.45 -1.88 -8.25
CA LEU A 196 -2.61 -1.95 -9.74
C LEU A 196 -2.17 -3.32 -10.25
N HIS A 197 -2.96 -3.92 -11.12
CA HIS A 197 -2.62 -5.19 -11.80
C HIS A 197 -2.75 -5.01 -13.32
N HIS A 198 -1.69 -5.29 -14.07
CA HIS A 198 -1.72 -5.43 -15.55
C HIS A 198 -2.72 -6.51 -15.99
N ALA A 199 -3.51 -6.22 -17.02
CA ALA A 199 -4.48 -7.16 -17.62
C ALA A 199 -4.83 -6.75 -19.06
N LYS A 200 -5.53 -7.66 -19.74
CA LYS A 200 -6.14 -7.44 -21.08
C LYS A 200 -7.65 -7.63 -20.93
N ASP A 201 -8.40 -6.81 -21.66
CA ASP A 201 -9.88 -6.92 -21.65
C ASP A 201 -10.22 -8.07 -22.61
N SER A 202 -11.50 -8.35 -22.80
CA SER A 202 -12.02 -9.50 -23.59
C SER A 202 -11.73 -9.30 -25.08
N GLU A 203 -11.19 -8.16 -25.48
CA GLU A 203 -10.82 -7.92 -26.90
C GLU A 203 -9.29 -7.94 -27.03
N GLY A 204 -8.55 -8.11 -25.93
CA GLY A 204 -7.07 -8.15 -25.90
C GLY A 204 -6.42 -6.78 -25.69
N VAL A 205 -7.19 -5.73 -25.39
CA VAL A 205 -6.68 -4.34 -25.18
C VAL A 205 -6.11 -4.26 -23.75
N GLU A 206 -4.93 -3.68 -23.62
CA GLU A 206 -4.14 -3.63 -22.36
C GLU A 206 -4.79 -2.63 -21.44
N ILE A 207 -5.21 -3.09 -20.26
CA ILE A 207 -5.87 -2.23 -19.25
C ILE A 207 -5.09 -2.39 -17.95
N MET A 208 -5.50 -1.64 -16.94
CA MET A 208 -5.02 -1.88 -15.56
C MET A 208 -6.28 -2.03 -14.72
N LEU A 209 -6.24 -2.96 -13.80
CA LEU A 209 -7.28 -3.18 -12.79
C LEU A 209 -6.76 -2.65 -11.45
N GLY A 210 -7.52 -1.77 -10.81
CA GLY A 210 -7.05 -1.27 -9.50
C GLY A 210 -7.93 -1.85 -8.43
N VAL A 211 -7.34 -2.25 -7.30
CA VAL A 211 -8.15 -2.76 -6.15
C VAL A 211 -7.94 -1.77 -4.98
N CYS A 212 -9.05 -1.30 -4.41
CA CYS A 212 -9.06 -0.27 -3.33
C CYS A 212 -10.18 -0.57 -2.34
N ALA A 213 -10.19 0.17 -1.24
CA ALA A 213 -11.19 0.09 -0.15
C ALA A 213 -12.61 0.08 -0.73
N SER A 214 -12.92 1.00 -1.65
CA SER A 214 -14.29 1.31 -2.10
C SER A 214 -14.77 0.24 -3.08
N GLY A 215 -13.90 -0.20 -4.00
CA GLY A 215 -14.28 -1.18 -5.03
C GLY A 215 -13.18 -1.49 -6.02
N LEU A 216 -13.55 -1.63 -7.28
CA LEU A 216 -12.70 -2.14 -8.39
C LEU A 216 -12.62 -1.05 -9.47
N LEU A 217 -11.42 -0.78 -9.99
CA LEU A 217 -11.27 0.26 -11.03
C LEU A 217 -10.71 -0.41 -12.28
N ILE A 218 -11.27 -0.12 -13.45
CA ILE A 218 -10.72 -0.54 -14.76
C ILE A 218 -10.24 0.72 -15.44
N TYR A 219 -8.92 0.87 -15.59
CA TYR A 219 -8.28 1.98 -16.34
C TYR A 219 -8.07 1.52 -17.78
N ARG A 220 -8.84 2.08 -18.73
CA ARG A 220 -8.94 1.56 -20.13
C ARG A 220 -8.05 2.40 -21.07
N ASP A 221 -8.30 3.71 -21.20
CA ASP A 221 -7.52 4.58 -22.13
C ASP A 221 -7.03 5.84 -21.40
N ARG A 222 -7.97 6.61 -20.82
CA ARG A 222 -7.74 7.88 -20.08
C ARG A 222 -9.09 8.61 -20.00
N LEU A 223 -9.83 8.61 -21.10
CA LEU A 223 -11.22 9.13 -21.21
C LEU A 223 -12.20 8.16 -20.54
N ARG A 224 -11.79 6.89 -20.37
CA ARG A 224 -12.68 5.79 -19.89
C ARG A 224 -12.06 5.09 -18.67
N ILE A 225 -12.56 5.41 -17.47
CA ILE A 225 -12.29 4.69 -16.20
C ILE A 225 -13.62 4.18 -15.64
N ASN A 226 -13.80 2.85 -15.64
CA ASN A 226 -14.99 2.18 -15.06
C ASN A 226 -14.71 1.93 -13.58
N ARG A 227 -15.75 2.07 -12.74
CA ARG A 227 -15.64 1.95 -11.26
C ARG A 227 -16.79 1.05 -10.77
N PHE A 228 -16.46 -0.07 -10.13
CA PHE A 228 -17.44 -1.03 -9.60
C PHE A 228 -17.34 -1.00 -8.07
N ALA A 229 -18.18 -0.18 -7.40
CA ALA A 229 -18.30 -0.16 -5.92
C ALA A 229 -18.47 -1.60 -5.47
N TRP A 230 -17.85 -2.00 -4.36
CA TRP A 230 -17.92 -3.39 -3.84
C TRP A 230 -19.36 -3.89 -3.85
N PRO A 231 -20.36 -3.12 -3.35
CA PRO A 231 -21.75 -3.57 -3.39
C PRO A 231 -22.22 -4.11 -4.76
N LYS A 232 -21.83 -3.40 -5.83
CA LYS A 232 -22.19 -3.68 -7.25
C LYS A 232 -21.53 -4.99 -7.73
N VAL A 233 -20.39 -5.38 -7.16
CA VAL A 233 -19.69 -6.65 -7.51
C VAL A 233 -20.37 -7.79 -6.74
N LEU A 234 -21.11 -8.66 -7.42
CA LEU A 234 -21.83 -9.78 -6.76
C LEU A 234 -20.90 -10.97 -6.55
N LYS A 235 -20.00 -11.23 -7.50
CA LYS A 235 -19.09 -12.40 -7.44
C LYS A 235 -17.86 -12.21 -8.34
N ILE A 236 -16.75 -12.78 -7.88
CA ILE A 236 -15.43 -12.86 -8.59
C ILE A 236 -15.09 -14.35 -8.76
N SER A 237 -14.18 -14.64 -9.69
CA SER A 237 -13.51 -15.96 -9.78
C SER A 237 -12.33 -15.87 -10.75
N TYR A 238 -11.50 -16.92 -10.77
CA TYR A 238 -10.36 -17.04 -11.70
C TYR A 238 -10.45 -18.43 -12.32
N LYS A 239 -9.97 -18.55 -13.54
CA LYS A 239 -9.85 -19.87 -14.17
C LYS A 239 -8.77 -19.73 -15.21
N ARG A 240 -7.72 -20.55 -15.10
CA ARG A 240 -6.54 -20.50 -16.00
C ARG A 240 -5.94 -19.09 -15.84
N ASN A 241 -5.78 -18.33 -16.92
CA ASN A 241 -5.16 -16.99 -16.91
C ASN A 241 -6.25 -15.92 -16.80
N ASN A 242 -7.47 -16.33 -16.46
CA ASN A 242 -8.64 -15.42 -16.54
C ASN A 242 -9.18 -15.08 -15.16
N PHE A 243 -9.57 -13.83 -15.05
CA PHE A 243 -10.22 -13.23 -13.88
C PHE A 243 -11.57 -12.70 -14.37
N TYR A 244 -12.63 -13.08 -13.68
CA TYR A 244 -14.03 -12.71 -14.03
C TYR A 244 -14.68 -12.01 -12.84
N ILE A 245 -15.46 -10.97 -13.15
CA ILE A 245 -16.33 -10.35 -12.14
C ILE A 245 -17.78 -10.31 -12.68
N LYS A 246 -18.69 -10.62 -11.76
CA LYS A 246 -20.16 -10.74 -11.90
C LYS A 246 -20.72 -9.44 -11.30
N ILE A 247 -21.26 -8.54 -12.14
CA ILE A 247 -21.77 -7.17 -11.79
C ILE A 247 -23.31 -7.22 -11.69
N ARG A 248 -23.84 -6.79 -10.54
CA ARG A 248 -25.29 -6.86 -10.20
C ARG A 248 -26.13 -6.33 -11.36
N PRO A 249 -27.35 -6.89 -11.58
CA PRO A 249 -28.30 -6.28 -12.48
C PRO A 249 -28.65 -4.95 -11.78
N GLY A 250 -28.64 -3.84 -12.51
CA GLY A 250 -29.38 -2.64 -12.03
C GLY A 250 -30.84 -2.97 -11.70
N GLU A 251 -31.54 -2.13 -10.96
CA GLU A 251 -32.99 -2.36 -10.66
C GLU A 251 -33.68 -2.71 -11.98
N PHE A 252 -34.57 -3.72 -11.97
CA PHE A 252 -35.50 -4.04 -13.08
C PHE A 252 -34.87 -4.85 -14.23
N GLU A 253 -33.57 -5.13 -14.19
CA GLU A 253 -32.94 -5.99 -15.23
C GLU A 253 -32.87 -7.43 -14.69
N GLN A 254 -32.99 -8.39 -15.59
CA GLN A 254 -33.25 -9.81 -15.24
C GLN A 254 -31.96 -10.50 -14.76
N PHE A 255 -30.79 -10.08 -15.30
CA PHE A 255 -29.52 -10.87 -15.28
C PHE A 255 -28.30 -9.97 -14.99
N GLU A 256 -27.45 -10.44 -14.07
CA GLU A 256 -26.05 -9.94 -13.87
C GLU A 256 -25.29 -9.90 -15.20
N SER A 257 -24.32 -8.99 -15.37
CA SER A 257 -23.34 -8.99 -16.49
C SER A 257 -22.02 -9.61 -16.00
N THR A 258 -21.23 -10.20 -16.90
CA THR A 258 -19.92 -10.84 -16.58
C THR A 258 -18.89 -10.04 -17.36
N ILE A 259 -17.83 -9.61 -16.66
CA ILE A 259 -16.69 -8.94 -17.33
C ILE A 259 -15.48 -9.84 -17.10
N GLY A 260 -14.78 -10.11 -18.18
CA GLY A 260 -13.69 -11.10 -18.22
C GLY A 260 -12.41 -10.38 -18.47
N PHE A 261 -11.34 -10.81 -17.83
CA PHE A 261 -10.00 -10.26 -18.09
C PHE A 261 -8.97 -11.37 -18.25
N LYS A 262 -7.96 -11.08 -19.06
CA LYS A 262 -6.80 -11.96 -19.28
C LYS A 262 -5.64 -11.41 -18.50
N LEU A 263 -5.09 -12.21 -17.60
CA LEU A 263 -3.90 -11.86 -16.81
C LEU A 263 -2.68 -12.55 -17.44
N PRO A 264 -1.46 -12.07 -17.15
CA PRO A 264 -0.23 -12.63 -17.73
C PRO A 264 -0.08 -14.16 -17.56
N ASN A 265 -0.54 -14.72 -16.46
CA ASN A 265 -0.38 -16.17 -16.19
C ASN A 265 -1.33 -16.51 -15.08
N HIS A 266 -1.47 -17.78 -14.78
CA HIS A 266 -2.42 -18.32 -13.80
C HIS A 266 -2.13 -17.74 -12.41
N ARG A 267 -0.86 -17.52 -12.10
CA ARG A 267 -0.44 -17.06 -10.73
C ARG A 267 -0.91 -15.62 -10.57
N ALA A 268 -0.74 -14.80 -11.60
CA ALA A 268 -1.22 -13.39 -11.59
C ALA A 268 -2.77 -13.37 -11.45
N ALA A 269 -3.50 -14.28 -12.10
CA ALA A 269 -4.97 -14.34 -11.97
C ALA A 269 -5.34 -14.66 -10.52
N LYS A 270 -4.69 -15.65 -9.91
CA LYS A 270 -5.09 -16.11 -8.56
C LYS A 270 -4.82 -14.98 -7.54
N ARG A 271 -3.68 -14.33 -7.68
CA ARG A 271 -3.20 -13.25 -6.80
C ARG A 271 -4.20 -12.07 -6.83
N LEU A 272 -4.63 -11.68 -8.03
CA LEU A 272 -5.66 -10.61 -8.19
C LEU A 272 -6.94 -11.06 -7.49
N TRP A 273 -7.39 -12.29 -7.75
CA TRP A 273 -8.60 -12.85 -7.12
C TRP A 273 -8.46 -12.73 -5.60
N LYS A 274 -7.33 -13.09 -5.02
CA LYS A 274 -7.24 -13.17 -3.53
C LYS A 274 -7.23 -11.76 -2.93
N VAL A 275 -6.52 -10.81 -3.54
CA VAL A 275 -6.47 -9.42 -3.03
C VAL A 275 -7.86 -8.79 -3.18
N CYS A 276 -8.64 -9.10 -4.24
CA CYS A 276 -10.03 -8.63 -4.35
C CYS A 276 -10.91 -9.19 -3.22
N VAL A 277 -10.89 -10.50 -2.97
CA VAL A 277 -11.69 -11.17 -1.90
C VAL A 277 -11.32 -10.48 -0.58
N GLU A 278 -10.04 -10.31 -0.31
CA GLU A 278 -9.59 -9.74 1.00
C GLU A 278 -10.07 -8.29 1.13
N HIS A 279 -9.93 -7.48 0.07
CA HIS A 279 -10.40 -6.08 0.12
C HIS A 279 -11.93 -6.08 0.27
N HIS A 280 -12.63 -6.94 -0.45
CA HIS A 280 -14.12 -7.00 -0.35
C HIS A 280 -14.50 -7.34 1.08
N THR A 281 -13.86 -8.31 1.69
CA THR A 281 -14.16 -8.73 3.09
C THR A 281 -13.88 -7.58 4.07
N PHE A 282 -12.70 -6.97 3.96
CA PHE A 282 -12.21 -5.92 4.88
C PHE A 282 -13.13 -4.70 4.83
N PHE A 283 -13.45 -4.21 3.64
CA PHE A 283 -14.16 -2.91 3.47
C PHE A 283 -15.68 -3.08 3.59
N ARG A 284 -16.16 -4.33 3.61
CA ARG A 284 -17.56 -4.72 3.90
C ARG A 284 -17.80 -4.70 5.41
N LEU A 285 -16.73 -4.77 6.23
CA LEU A 285 -16.84 -4.74 7.71
C LEU A 285 -16.60 -3.30 8.20
N LEU A 286 -15.72 -2.57 7.52
CA LEU A 286 -15.46 -1.13 7.73
C LEU A 286 -16.59 -0.34 7.07
#